data_9BIM
#
_entry.id   9BIM
#
_cell.length_a   1.00
_cell.length_b   1.00
_cell.length_c   1.00
_cell.angle_alpha   90.00
_cell.angle_beta   90.00
_cell.angle_gamma   90.00
#
_symmetry.space_group_name_H-M   'P 1'
#
loop_
_entity.id
_entity.type
_entity.pdbx_description
1 polymer 'High affinity choline transporter 1'
2 non-polymer "(2S,2'S)-2,2'-biphenyl-4,4'-diylbis(2-hydroxy-4,4-dimethylmorpholin-4-ium)"
#
_entity_poly.entity_id   1
_entity_poly.type   'polypeptide(L)'
_entity_poly.pdbx_seq_one_letter_code
;MAFHVEGLIAIIVFYLLILLVGIWAAWRTKNSGSAEERSEAIIVGGRDIGLLVGGFTMTATWVGGGYINGTAEAVYVPGY
GLAWAQAPIGYSLSLILGGLFFAKPMRSKGYVTMLDPFQQIYGKRMGGLLFIPALMGEMFWAAAIFSALGATISVIIDVD
MHISVIISALIATLYTLVGGLYSVAYTDVVQLFCIFVGLWISVPFALSHPAVADIGFTAVHAKYQKPWLGTVDSSEVYSW
LDSFLLLMLGGIPWQAYFQRVLSSSSATYAQVLSFLAAFGCLVMAIPAILIGAIGASTDWNQTAYGLPDPKTTEEADMIL
PIVLQYLCPVYISFFGLGAVSAAVMSSADSSILSASSMFARNIYQLSFRQNASDKEIVWVMRITVFVFGASATAMALLTK
TVYGLWYLSSDLVYIVIFPQLLCVLFVKGTNTYGAVAGYVSGLFLRITGGEPYLYLQPLIFYPGYYPDDNGIYNQKFPFK
TLAMVTSFLTNICISYLAKYLFESGTLPPKLDVFDAVVARHSEENMDKTILVKNENIKLDELALVKPRQSMTLSSTFTNK
EAFLDVDSSPEGSGTEDNLQAAAGGSWSHPQFEKGGGSGGGSGGSAWSHPQFEK
;
_entity_poly.pdbx_strand_id   A
#
# COMPACT_ATOMS: atom_id res chain seq x y z
N ALA A 2 -8.29 30.94 2.54
CA ALA A 2 -9.02 31.58 1.46
C ALA A 2 -8.99 30.72 0.19
N PHE A 3 -9.74 31.14 -0.82
CA PHE A 3 -9.80 30.44 -2.09
C PHE A 3 -8.93 31.19 -3.10
N HIS A 4 -7.79 30.60 -3.45
CA HIS A 4 -6.85 31.20 -4.40
C HIS A 4 -6.97 30.47 -5.72
N VAL A 5 -7.46 31.17 -6.74
CA VAL A 5 -7.62 30.55 -8.07
C VAL A 5 -6.25 30.27 -8.67
N GLU A 6 -5.32 31.22 -8.57
CA GLU A 6 -3.95 31.04 -9.04
C GLU A 6 -3.29 30.02 -8.14
N GLY A 7 -3.16 28.79 -8.64
CA GLY A 7 -2.70 27.65 -7.87
C GLY A 7 -3.64 26.49 -8.05
N LEU A 8 -4.95 26.78 -8.03
CA LEU A 8 -5.91 25.81 -8.55
C LEU A 8 -5.71 25.61 -10.04
N ILE A 9 -5.48 26.71 -10.77
CA ILE A 9 -5.13 26.64 -12.17
C ILE A 9 -3.81 25.88 -12.36
N ALA A 10 -2.86 26.11 -11.44
CA ALA A 10 -1.57 25.43 -11.52
C ALA A 10 -1.72 23.93 -11.33
N ILE A 11 -2.55 23.50 -10.37
CA ILE A 11 -2.74 22.07 -10.14
C ILE A 11 -3.53 21.44 -11.28
N ILE A 12 -4.48 22.17 -11.87
CA ILE A 12 -5.17 21.66 -13.06
C ILE A 12 -4.18 21.49 -14.21
N VAL A 13 -3.27 22.45 -14.38
CA VAL A 13 -2.24 22.33 -15.41
C VAL A 13 -1.32 21.15 -15.13
N PHE A 14 -0.98 20.92 -13.86
CA PHE A 14 -0.15 19.78 -13.49
C PHE A 14 -0.86 18.46 -13.82
N TYR A 15 -2.15 18.38 -13.54
CA TYR A 15 -2.93 17.19 -13.89
C TYR A 15 -2.95 16.98 -15.39
N LEU A 16 -3.12 18.06 -16.15
CA LEU A 16 -3.14 17.94 -17.61
C LEU A 16 -1.79 17.50 -18.15
N LEU A 17 -0.70 17.99 -17.57
CA LEU A 17 0.63 17.55 -17.99
C LEU A 17 0.87 16.08 -17.65
N ILE A 18 0.41 15.64 -16.48
CA ILE A 18 0.55 14.22 -16.14
C ILE A 18 -0.25 13.35 -17.11
N LEU A 19 -1.47 13.77 -17.43
CA LEU A 19 -2.29 13.01 -18.39
C LEU A 19 -1.66 13.01 -19.77
N LEU A 20 -1.07 14.14 -20.18
CA LEU A 20 -0.44 14.22 -21.49
C LEU A 20 0.80 13.36 -21.57
N VAL A 21 1.60 13.32 -20.50
CA VAL A 21 2.77 12.44 -20.47
C VAL A 21 2.34 10.98 -20.51
N GLY A 22 1.27 10.64 -19.78
CA GLY A 22 0.76 9.29 -19.85
C GLY A 22 0.25 8.90 -21.23
N ILE A 23 -0.44 9.82 -21.90
CA ILE A 23 -0.94 9.55 -23.25
C ILE A 23 0.21 9.41 -24.24
N TRP A 24 1.25 10.24 -24.09
CA TRP A 24 2.42 10.12 -24.95
C TRP A 24 3.13 8.78 -24.73
N ALA A 25 3.23 8.34 -23.47
CA ALA A 25 3.84 7.05 -23.19
C ALA A 25 3.00 5.91 -23.75
N ALA A 26 1.67 6.07 -23.73
CA ALA A 26 0.80 5.08 -24.35
C ALA A 26 1.02 5.02 -25.86
N TRP A 27 1.14 6.18 -26.49
CA TRP A 27 1.25 6.23 -27.95
C TRP A 27 2.61 5.74 -28.43
N ARG A 28 3.69 6.09 -27.73
CA ARG A 28 5.04 5.75 -28.18
C ARG A 28 5.29 4.26 -28.08
N THR A 29 4.89 3.63 -26.98
CA THR A 29 5.17 2.22 -26.73
C THR A 29 4.01 1.31 -27.12
N LYS A 30 3.10 1.78 -27.97
CA LYS A 30 1.97 0.96 -28.40
C LYS A 30 2.42 -0.10 -29.39
N GLY A 33 5.33 -3.81 -26.86
CA GLY A 33 4.78 -5.10 -26.49
C GLY A 33 4.75 -6.09 -27.65
N SER A 34 4.15 -7.25 -27.40
CA SER A 34 4.04 -8.27 -28.44
C SER A 34 3.05 -7.85 -29.52
N ALA A 35 3.33 -8.27 -30.75
CA ALA A 35 2.48 -7.86 -31.88
C ALA A 35 1.12 -8.55 -31.83
N GLU A 36 1.09 -9.84 -31.49
CA GLU A 36 -0.14 -10.62 -31.53
C GLU A 36 -0.81 -10.77 -30.17
N GLU A 37 -0.03 -10.88 -29.09
CA GLU A 37 -0.57 -11.09 -27.75
C GLU A 37 -0.51 -9.76 -27.00
N ARG A 38 -1.60 -9.01 -27.07
CA ARG A 38 -1.71 -7.73 -26.36
C ARG A 38 -2.41 -7.87 -25.02
N SER A 39 -2.80 -9.09 -24.62
CA SER A 39 -3.37 -9.28 -23.29
C SER A 39 -2.35 -9.01 -22.20
N GLU A 40 -1.10 -9.42 -22.42
CA GLU A 40 -0.02 -9.18 -21.47
C GLU A 40 0.92 -8.08 -21.94
N ALA A 41 0.51 -7.26 -22.90
CA ALA A 41 1.21 -6.03 -23.21
C ALA A 41 0.77 -4.88 -22.30
N ILE A 42 -0.27 -5.11 -21.51
CA ILE A 42 -0.74 -4.17 -20.51
C ILE A 42 -0.37 -4.62 -19.11
N ILE A 43 -0.45 -5.93 -18.84
CA ILE A 43 -0.27 -6.43 -17.48
C ILE A 43 1.18 -6.35 -17.05
N VAL A 44 2.10 -6.87 -17.87
CA VAL A 44 3.50 -7.02 -17.49
C VAL A 44 4.41 -6.11 -18.30
N GLY A 45 3.89 -5.49 -19.36
CA GLY A 45 4.61 -4.42 -20.03
C GLY A 45 5.56 -4.84 -21.13
N GLY A 46 5.65 -6.13 -21.44
CA GLY A 46 6.55 -6.57 -22.48
C GLY A 46 7.96 -6.88 -22.03
N ARG A 47 8.22 -6.86 -20.71
CA ARG A 47 9.47 -7.29 -20.10
C ARG A 47 10.65 -6.43 -20.55
N ASP A 48 10.42 -5.16 -20.87
CA ASP A 48 11.48 -4.29 -21.38
C ASP A 48 11.72 -3.07 -20.49
N ILE A 49 11.13 -3.03 -19.30
CA ILE A 49 11.38 -1.94 -18.36
C ILE A 49 12.81 -2.08 -17.83
N GLY A 50 13.57 -0.98 -17.87
CA GLY A 50 14.96 -0.99 -17.49
C GLY A 50 15.16 -0.99 -15.99
N LEU A 51 16.31 -0.46 -15.56
CA LEU A 51 16.67 -0.43 -14.15
C LEU A 51 16.23 0.85 -13.46
N LEU A 52 16.70 2.00 -13.96
CA LEU A 52 16.41 3.27 -13.31
C LEU A 52 14.92 3.61 -13.42
N VAL A 53 14.31 3.35 -14.58
CA VAL A 53 12.89 3.65 -14.75
C VAL A 53 12.05 2.81 -13.81
N GLY A 54 12.34 1.51 -13.70
CA GLY A 54 11.59 0.66 -12.80
C GLY A 54 11.81 1.00 -11.34
N GLY A 55 13.05 1.34 -10.97
CA GLY A 55 13.32 1.73 -9.61
C GLY A 55 12.57 2.99 -9.21
N PHE A 56 12.63 4.01 -10.07
CA PHE A 56 11.87 5.24 -9.84
C PHE A 56 10.38 4.95 -9.77
N THR A 57 9.88 4.08 -10.65
CA THR A 57 8.46 3.78 -10.71
C THR A 57 7.97 3.15 -9.42
N MET A 58 8.64 2.09 -8.97
CA MET A 58 8.11 1.37 -7.81
C MET A 58 8.42 2.12 -6.51
N THR A 59 9.50 2.93 -6.49
CA THR A 59 9.71 3.87 -5.39
C THR A 59 8.55 4.84 -5.28
N ALA A 60 8.09 5.40 -6.41
CA ALA A 60 6.93 6.28 -6.36
C ALA A 60 5.65 5.51 -6.07
N THR A 61 5.63 4.21 -6.35
CA THR A 61 4.48 3.39 -6.01
C THR A 61 4.30 3.28 -4.50
N TRP A 62 5.38 2.97 -3.77
CA TRP A 62 5.20 2.85 -2.32
C TRP A 62 5.00 4.19 -1.63
N VAL A 63 5.63 5.26 -2.12
CA VAL A 63 5.50 6.56 -1.46
C VAL A 63 4.20 7.23 -1.87
N GLY A 64 3.15 7.04 -1.06
CA GLY A 64 1.88 7.70 -1.26
C GLY A 64 1.58 8.71 -0.16
N GLY A 65 0.48 9.44 -0.39
CA GLY A 65 0.08 10.46 0.58
C GLY A 65 -0.34 9.87 1.91
N GLY A 66 -0.96 8.68 1.89
CA GLY A 66 -1.26 8.01 3.15
C GLY A 66 -0.02 7.64 3.93
N TYR A 67 1.03 7.20 3.22
CA TYR A 67 2.28 6.84 3.88
C TYR A 67 2.96 8.06 4.50
N ILE A 68 3.04 9.16 3.74
CA ILE A 68 3.66 10.38 4.24
C ILE A 68 2.86 10.94 5.43
N ASN A 69 1.53 10.97 5.30
CA ASN A 69 0.71 11.50 6.37
C ASN A 69 0.76 10.61 7.61
N GLY A 70 0.84 9.29 7.43
CA GLY A 70 0.97 8.40 8.57
C GLY A 70 2.29 8.57 9.29
N THR A 71 3.39 8.72 8.54
CA THR A 71 4.69 8.97 9.16
C THR A 71 4.70 10.29 9.91
N ALA A 72 4.13 11.34 9.29
CA ALA A 72 4.09 12.65 9.94
C ALA A 72 3.19 12.62 11.19
N GLU A 73 2.08 11.87 11.14
CA GLU A 73 1.23 11.71 12.30
C GLU A 73 1.97 10.97 13.42
N ALA A 74 2.68 9.90 13.08
CA ALA A 74 3.39 9.12 14.09
C ALA A 74 4.48 9.94 14.75
N VAL A 75 5.19 10.76 13.97
CA VAL A 75 6.21 11.63 14.55
C VAL A 75 5.54 12.73 15.39
N TYR A 76 4.39 13.25 14.93
CA TYR A 76 3.81 14.43 15.55
C TYR A 76 3.24 14.15 16.94
N VAL A 77 2.45 13.08 17.07
CA VAL A 77 1.70 12.82 18.31
C VAL A 77 2.65 12.54 19.46
N PRO A 78 2.30 12.92 20.69
CA PRO A 78 3.26 12.73 21.79
C PRO A 78 3.40 11.30 22.24
N GLY A 79 2.34 10.50 22.18
CA GLY A 79 2.41 9.13 22.66
C GLY A 79 3.32 8.25 21.81
N TYR A 80 3.24 8.38 20.49
CA TYR A 80 3.98 7.49 19.61
C TYR A 80 5.44 7.94 19.45
N GLY A 81 5.64 9.13 18.90
CA GLY A 81 6.98 9.62 18.67
C GLY A 81 7.63 8.98 17.46
N LEU A 82 8.92 9.29 17.28
CA LEU A 82 9.65 8.77 16.14
C LEU A 82 9.90 7.27 16.26
N ALA A 83 10.04 6.75 17.49
CA ALA A 83 10.31 5.33 17.69
C ALA A 83 9.16 4.47 17.18
N TRP A 84 7.93 5.00 17.19
CA TRP A 84 6.78 4.31 16.63
C TRP A 84 6.52 4.68 15.17
N ALA A 85 7.31 5.59 14.59
CA ALA A 85 7.22 5.90 13.17
C ALA A 85 8.06 4.88 12.39
N GLN A 86 7.52 3.66 12.35
CA GLN A 86 8.20 2.51 11.79
C GLN A 86 7.86 2.26 10.33
N ALA A 87 7.13 3.18 9.70
CA ALA A 87 6.86 3.05 8.26
C ALA A 87 8.11 3.12 7.40
N PRO A 88 9.05 4.10 7.56
CA PRO A 88 10.21 4.15 6.64
C PRO A 88 11.11 2.93 6.72
N ILE A 89 11.60 2.59 7.91
CA ILE A 89 12.50 1.45 8.04
C ILE A 89 11.76 0.15 7.79
N GLY A 90 10.45 0.10 8.08
CA GLY A 90 9.68 -1.09 7.77
C GLY A 90 9.58 -1.34 6.28
N TYR A 91 9.27 -0.29 5.51
CA TYR A 91 9.21 -0.43 4.06
C TYR A 91 10.58 -0.75 3.48
N SER A 92 11.63 -0.11 3.99
CA SER A 92 12.97 -0.35 3.47
C SER A 92 13.42 -1.79 3.71
N LEU A 93 13.18 -2.31 4.92
CA LEU A 93 13.53 -3.69 5.20
C LEU A 93 12.64 -4.66 4.44
N SER A 94 11.37 -4.30 4.21
CA SER A 94 10.50 -5.13 3.38
C SER A 94 11.05 -5.27 1.98
N LEU A 95 11.51 -4.15 1.40
CA LEU A 95 12.01 -4.19 0.03
C LEU A 95 13.36 -4.90 -0.05
N ILE A 96 14.22 -4.71 0.95
CA ILE A 96 15.50 -5.41 0.98
C ILE A 96 15.28 -6.92 1.08
N LEU A 97 14.38 -7.33 1.98
CA LEU A 97 14.07 -8.75 2.15
C LEU A 97 13.47 -9.34 0.88
N GLY A 98 12.54 -8.61 0.25
CA GLY A 98 11.94 -9.07 -0.99
C GLY A 98 12.96 -9.23 -2.10
N GLY A 99 13.81 -8.21 -2.29
CA GLY A 99 14.82 -8.29 -3.33
C GLY A 99 15.84 -9.39 -3.08
N LEU A 100 16.15 -9.66 -1.82
CA LEU A 100 17.09 -10.74 -1.53
C LEU A 100 16.48 -12.12 -1.83
N PHE A 101 15.26 -12.38 -1.36
CA PHE A 101 14.74 -13.74 -1.43
C PHE A 101 13.61 -13.94 -2.41
N PHE A 102 12.59 -13.08 -2.43
CA PHE A 102 11.38 -13.36 -3.20
C PHE A 102 11.47 -12.87 -4.65
N ALA A 103 12.30 -11.87 -4.93
CA ALA A 103 12.31 -11.27 -6.26
C ALA A 103 12.96 -12.19 -7.28
N LYS A 104 14.00 -12.92 -6.88
CA LYS A 104 14.74 -13.75 -7.83
C LYS A 104 13.91 -14.91 -8.41
N PRO A 105 13.18 -15.72 -7.64
CA PRO A 105 12.42 -16.80 -8.27
C PRO A 105 11.20 -16.32 -9.03
N MET A 106 10.62 -15.17 -8.66
CA MET A 106 9.46 -14.68 -9.39
C MET A 106 9.82 -14.27 -10.81
N ARG A 107 10.95 -13.59 -11.00
CA ARG A 107 11.29 -13.06 -12.31
C ARG A 107 12.04 -14.07 -13.18
N SER A 108 12.81 -14.97 -12.56
CA SER A 108 13.65 -15.91 -13.32
C SER A 108 12.81 -16.80 -14.24
N LYS A 109 11.65 -17.24 -13.76
CA LYS A 109 10.67 -17.92 -14.59
C LYS A 109 9.47 -17.01 -14.81
N GLY A 110 8.99 -16.97 -16.04
CA GLY A 110 8.15 -15.87 -16.49
C GLY A 110 6.71 -15.88 -16.04
N TYR A 111 6.47 -15.57 -14.77
CA TYR A 111 5.10 -15.32 -14.31
C TYR A 111 4.58 -14.00 -14.89
N VAL A 112 3.26 -13.89 -14.92
CA VAL A 112 2.58 -12.73 -15.47
C VAL A 112 2.09 -11.79 -14.38
N THR A 113 1.51 -12.34 -13.30
CA THR A 113 1.05 -11.57 -12.16
C THR A 113 1.54 -12.22 -10.87
N MET A 114 1.10 -11.65 -9.74
CA MET A 114 1.36 -12.27 -8.43
C MET A 114 0.71 -13.63 -8.32
N LEU A 115 -0.53 -13.76 -8.78
CA LEU A 115 -1.39 -14.87 -8.39
C LEU A 115 -1.17 -16.11 -9.27
N ASP A 116 -0.39 -15.99 -10.33
CA ASP A 116 -0.15 -17.13 -11.22
C ASP A 116 0.51 -18.32 -10.53
N PRO A 117 1.55 -18.17 -9.67
CA PRO A 117 2.02 -19.33 -8.91
C PRO A 117 0.97 -19.95 -8.00
N PHE A 118 0.06 -19.15 -7.42
CA PHE A 118 -0.96 -19.72 -6.56
C PHE A 118 -1.93 -20.60 -7.35
N GLN A 119 -2.29 -20.18 -8.55
CA GLN A 119 -3.24 -20.96 -9.35
C GLN A 119 -2.64 -22.28 -9.77
N GLN A 120 -1.42 -22.25 -10.33
CA GLN A 120 -0.81 -23.45 -10.90
C GLN A 120 -0.55 -24.54 -9.87
N ILE A 121 -0.56 -24.21 -8.59
CA ILE A 121 -0.39 -25.20 -7.53
C ILE A 121 -1.73 -25.53 -6.87
N TYR A 122 -2.56 -24.54 -6.57
CA TYR A 122 -3.72 -24.72 -5.72
C TYR A 122 -5.05 -24.77 -6.47
N GLY A 123 -5.05 -24.73 -7.80
CA GLY A 123 -6.30 -24.73 -8.53
C GLY A 123 -6.89 -23.34 -8.67
N LYS A 124 -7.78 -23.20 -9.66
CA LYS A 124 -8.38 -21.91 -9.97
C LYS A 124 -9.29 -21.40 -8.86
N ARG A 125 -9.99 -22.31 -8.17
CA ARG A 125 -10.87 -21.91 -7.09
C ARG A 125 -10.08 -21.27 -5.95
N MET A 126 -8.95 -21.87 -5.56
CA MET A 126 -8.15 -21.26 -4.51
C MET A 126 -7.40 -20.04 -5.04
N GLY A 127 -7.13 -19.98 -6.35
CA GLY A 127 -6.61 -18.76 -6.92
C GLY A 127 -7.55 -17.58 -6.73
N GLY A 128 -8.84 -17.81 -6.98
CA GLY A 128 -9.83 -16.76 -6.72
C GLY A 128 -10.01 -16.47 -5.24
N LEU A 129 -9.97 -17.52 -4.40
CA LEU A 129 -10.12 -17.32 -2.96
C LEU A 129 -8.97 -16.52 -2.38
N LEU A 130 -7.77 -16.63 -2.96
CA LEU A 130 -6.65 -15.78 -2.56
C LEU A 130 -6.69 -14.43 -3.27
N PHE A 131 -7.34 -14.35 -4.42
CA PHE A 131 -7.51 -13.06 -5.11
C PHE A 131 -8.40 -12.13 -4.31
N ILE A 132 -9.42 -12.67 -3.62
CA ILE A 132 -10.36 -11.82 -2.88
C ILE A 132 -9.68 -10.94 -1.83
N PRO A 133 -8.80 -11.46 -0.95
CA PRO A 133 -8.09 -10.54 -0.04
C PRO A 133 -7.18 -9.55 -0.77
N ALA A 134 -6.55 -9.96 -1.86
CA ALA A 134 -5.68 -9.04 -2.60
C ALA A 134 -6.48 -7.90 -3.21
N LEU A 135 -7.61 -8.22 -3.85
CA LEU A 135 -8.49 -7.20 -4.38
C LEU A 135 -9.01 -6.28 -3.28
N MET A 136 -9.40 -6.86 -2.15
CA MET A 136 -9.90 -6.07 -1.02
C MET A 136 -8.83 -5.10 -0.52
N GLY A 137 -7.60 -5.60 -0.38
CA GLY A 137 -6.52 -4.75 0.10
C GLY A 137 -6.19 -3.63 -0.86
N GLU A 138 -6.08 -3.95 -2.16
CA GLU A 138 -5.76 -2.91 -3.14
C GLU A 138 -6.85 -1.85 -3.21
N MET A 139 -8.11 -2.28 -3.24
CA MET A 139 -9.21 -1.32 -3.34
C MET A 139 -9.32 -0.45 -2.09
N PHE A 140 -9.16 -1.05 -0.90
CA PHE A 140 -9.24 -0.25 0.32
C PHE A 140 -8.05 0.70 0.45
N TRP A 141 -6.85 0.27 0.03
CA TRP A 141 -5.69 1.15 0.07
C TRP A 141 -5.87 2.34 -0.87
N ALA A 142 -6.36 2.08 -2.08
CA ALA A 142 -6.63 3.16 -3.02
C ALA A 142 -7.68 4.11 -2.48
N ALA A 143 -8.75 3.58 -1.88
CA ALA A 143 -9.78 4.43 -1.31
C ALA A 143 -9.24 5.27 -0.15
N ALA A 144 -8.40 4.69 0.70
CA ALA A 144 -7.86 5.43 1.83
C ALA A 144 -6.96 6.57 1.38
N ILE A 145 -6.08 6.31 0.41
CA ILE A 145 -5.21 7.40 -0.02
C ILE A 145 -5.97 8.43 -0.84
N PHE A 146 -7.04 8.03 -1.54
CA PHE A 146 -7.88 9.01 -2.22
C PHE A 146 -8.60 9.90 -1.21
N SER A 147 -9.06 9.32 -0.10
CA SER A 147 -9.67 10.12 0.95
C SER A 147 -8.64 11.07 1.57
N ALA A 148 -7.39 10.62 1.69
CA ALA A 148 -6.32 11.50 2.17
C ALA A 148 -6.11 12.68 1.23
N LEU A 149 -6.08 12.42 -0.09
CA LEU A 149 -5.99 13.51 -1.06
C LEU A 149 -7.19 14.46 -0.94
N GLY A 150 -8.38 13.90 -0.80
CA GLY A 150 -9.57 14.75 -0.70
C GLY A 150 -9.52 15.66 0.50
N ALA A 151 -9.16 15.11 1.66
CA ALA A 151 -9.06 15.90 2.87
C ALA A 151 -7.95 16.95 2.77
N THR A 152 -6.80 16.58 2.19
CA THR A 152 -5.69 17.51 2.07
C THR A 152 -6.04 18.69 1.16
N ILE A 153 -6.64 18.42 0.00
CA ILE A 153 -6.99 19.49 -0.91
C ILE A 153 -8.13 20.33 -0.34
N SER A 154 -9.08 19.71 0.37
CA SER A 154 -10.13 20.48 1.03
C SER A 154 -9.55 21.37 2.13
N VAL A 155 -8.42 20.97 2.73
CA VAL A 155 -7.78 21.80 3.74
C VAL A 155 -7.03 22.97 3.09
N ILE A 156 -6.24 22.70 2.05
CA ILE A 156 -5.33 23.71 1.53
C ILE A 156 -6.07 24.74 0.69
N ILE A 157 -6.66 24.29 -0.43
CA ILE A 157 -7.26 25.25 -1.37
C ILE A 157 -8.68 25.63 -0.94
N ASP A 158 -9.30 24.80 -0.09
CA ASP A 158 -10.72 24.92 0.30
C ASP A 158 -11.62 24.75 -0.92
N VAL A 159 -11.37 23.67 -1.67
CA VAL A 159 -12.26 23.18 -2.70
C VAL A 159 -13.24 22.21 -2.04
N ASP A 160 -14.45 22.11 -2.58
CA ASP A 160 -15.40 21.11 -2.12
C ASP A 160 -14.80 19.72 -2.26
N MET A 161 -14.98 18.90 -1.22
CA MET A 161 -14.25 17.65 -1.13
C MET A 161 -14.71 16.63 -2.16
N HIS A 162 -15.99 16.66 -2.56
CA HIS A 162 -16.50 15.64 -3.46
C HIS A 162 -16.20 15.91 -4.92
N ILE A 163 -15.53 17.01 -5.25
CA ILE A 163 -15.16 17.32 -6.62
C ILE A 163 -13.70 16.97 -6.90
N SER A 164 -12.80 17.32 -5.98
CA SER A 164 -11.36 17.16 -6.22
C SER A 164 -10.95 15.70 -6.28
N VAL A 165 -11.46 14.88 -5.35
CA VAL A 165 -11.12 13.46 -5.37
C VAL A 165 -11.70 12.78 -6.60
N ILE A 166 -12.88 13.22 -7.07
CA ILE A 166 -13.47 12.65 -8.28
C ILE A 166 -12.63 13.01 -9.49
N ILE A 167 -12.17 14.27 -9.59
CA ILE A 167 -11.35 14.68 -10.71
C ILE A 167 -10.00 13.95 -10.71
N SER A 168 -9.37 13.83 -9.55
CA SER A 168 -8.09 13.14 -9.46
C SER A 168 -8.22 11.67 -9.83
N ALA A 169 -9.26 11.01 -9.30
CA ALA A 169 -9.48 9.60 -9.63
C ALA A 169 -9.82 9.43 -11.11
N LEU A 170 -10.58 10.36 -11.68
CA LEU A 170 -10.93 10.28 -13.10
C LEU A 170 -9.69 10.40 -13.98
N ILE A 171 -8.78 11.33 -13.65
CA ILE A 171 -7.59 11.51 -14.46
C ILE A 171 -6.65 10.30 -14.31
N ALA A 172 -6.48 9.81 -13.08
CA ALA A 172 -5.64 8.63 -12.86
C ALA A 172 -6.19 7.42 -13.61
N THR A 173 -7.50 7.18 -13.47
CA THR A 173 -8.14 6.07 -14.16
C THR A 173 -8.05 6.22 -15.67
N LEU A 174 -8.19 7.44 -16.17
CA LEU A 174 -8.13 7.67 -17.61
C LEU A 174 -6.77 7.32 -18.18
N TYR A 175 -5.69 7.79 -17.53
CA TYR A 175 -4.39 7.52 -18.14
C TYR A 175 -3.96 6.06 -17.92
N THR A 176 -4.29 5.45 -16.78
CA THR A 176 -3.96 4.03 -16.63
C THR A 176 -4.83 3.15 -17.51
N LEU A 177 -6.02 3.62 -17.88
CA LEU A 177 -6.86 2.90 -18.82
C LEU A 177 -6.29 2.98 -20.23
N VAL A 178 -5.84 4.17 -20.64
CA VAL A 178 -5.37 4.32 -22.01
C VAL A 178 -4.03 3.62 -22.22
N GLY A 179 -3.11 3.69 -21.25
CA GLY A 179 -1.82 3.09 -21.56
C GLY A 179 -1.52 1.67 -21.08
N GLY A 180 -1.46 1.48 -19.76
CA GLY A 180 -1.24 0.17 -19.18
C GLY A 180 0.23 -0.16 -18.95
N LEU A 181 0.71 0.06 -17.73
CA LEU A 181 2.07 -0.24 -17.25
C LEU A 181 3.18 0.47 -18.03
N TYR A 182 2.82 1.24 -19.06
CA TYR A 182 3.73 2.20 -19.65
C TYR A 182 3.26 3.62 -19.42
N SER A 183 1.95 3.82 -19.33
CA SER A 183 1.38 5.07 -18.87
C SER A 183 1.50 5.27 -17.37
N VAL A 184 1.82 4.21 -16.62
CA VAL A 184 1.98 4.33 -15.18
C VAL A 184 3.43 4.24 -14.73
N ALA A 185 4.33 3.80 -15.61
CA ALA A 185 5.75 3.70 -15.28
C ALA A 185 6.58 4.79 -15.93
N TYR A 186 6.08 5.45 -16.97
CA TYR A 186 6.72 6.63 -17.52
C TYR A 186 6.17 7.92 -16.95
N THR A 187 5.10 7.87 -16.15
CA THR A 187 4.65 9.02 -15.39
C THR A 187 5.07 8.96 -13.93
N ASP A 188 5.52 7.79 -13.46
CA ASP A 188 6.04 7.70 -12.10
C ASP A 188 7.45 8.27 -12.00
N VAL A 189 8.21 8.23 -13.10
CA VAL A 189 9.50 8.90 -13.11
C VAL A 189 9.35 10.42 -13.11
N VAL A 190 8.17 10.92 -13.47
CA VAL A 190 7.85 12.33 -13.34
C VAL A 190 7.25 12.64 -11.98
N GLN A 191 6.33 11.78 -11.52
CA GLN A 191 5.66 12.01 -10.24
C GLN A 191 6.63 11.88 -9.08
N LEU A 192 7.60 10.97 -9.16
CA LEU A 192 8.58 10.81 -8.08
C LEU A 192 9.48 12.04 -7.99
N PHE A 193 9.91 12.57 -9.13
CA PHE A 193 10.69 13.80 -9.14
C PHE A 193 9.88 14.97 -8.59
N CYS A 194 8.58 15.02 -8.92
CA CYS A 194 7.72 16.06 -8.37
C CYS A 194 7.58 15.92 -6.86
N ILE A 195 7.47 14.69 -6.37
CA ILE A 195 7.41 14.43 -4.93
C ILE A 195 8.68 14.95 -4.26
N PHE A 196 9.84 14.61 -4.85
CA PHE A 196 11.12 15.03 -4.30
C PHE A 196 11.20 16.55 -4.22
N VAL A 197 10.86 17.23 -5.32
CA VAL A 197 10.96 18.68 -5.37
C VAL A 197 10.01 19.33 -4.36
N GLY A 198 8.73 18.91 -4.38
CA GLY A 198 7.75 19.54 -3.53
C GLY A 198 7.99 19.30 -2.05
N LEU A 199 8.44 18.09 -1.69
CA LEU A 199 8.70 17.81 -0.29
C LEU A 199 9.99 18.46 0.20
N TRP A 200 11.05 18.47 -0.62
CA TRP A 200 12.34 18.95 -0.15
C TRP A 200 12.48 20.47 -0.22
N ILE A 201 11.72 21.16 -1.07
CA ILE A 201 11.78 22.62 -1.03
C ILE A 201 11.04 23.15 0.20
N SER A 202 9.95 22.50 0.60
CA SER A 202 9.12 23.04 1.67
C SER A 202 9.78 22.96 3.05
N VAL A 203 10.71 22.02 3.26
CA VAL A 203 11.32 21.82 4.57
C VAL A 203 12.16 23.03 5.01
N PRO A 204 13.04 23.61 4.17
CA PRO A 204 13.71 24.85 4.62
C PRO A 204 12.77 26.01 4.88
N PHE A 205 11.68 26.13 4.13
CA PHE A 205 10.73 27.21 4.39
C PHE A 205 9.97 26.98 5.69
N ALA A 206 9.65 25.71 5.99
CA ALA A 206 8.99 25.40 7.26
C ALA A 206 9.93 25.64 8.44
N LEU A 207 11.21 25.30 8.28
CA LEU A 207 12.15 25.45 9.38
C LEU A 207 12.47 26.92 9.67
N SER A 208 12.34 27.79 8.66
CA SER A 208 12.69 29.19 8.83
C SER A 208 11.59 30.00 9.50
N HIS A 209 10.43 29.41 9.76
CA HIS A 209 9.34 30.13 10.40
C HIS A 209 9.71 30.47 11.84
N PRO A 210 9.40 31.68 12.32
CA PRO A 210 9.76 32.04 13.69
C PRO A 210 9.05 31.23 14.76
N ALA A 211 7.91 30.61 14.45
CA ALA A 211 7.24 29.77 15.43
C ALA A 211 8.04 28.52 15.74
N VAL A 212 8.62 27.90 14.73
CA VAL A 212 9.42 26.69 14.91
C VAL A 212 10.77 27.07 15.50
N ALA A 213 11.14 26.43 16.61
CA ALA A 213 12.36 26.77 17.31
C ALA A 213 13.05 25.50 17.79
N ASP A 214 14.30 25.32 17.38
CA ASP A 214 15.21 24.31 17.92
C ASP A 214 14.65 22.89 17.74
N ILE A 215 14.57 22.48 16.48
CA ILE A 215 14.10 21.14 16.16
C ILE A 215 15.04 20.08 16.74
N GLY A 216 16.33 20.37 16.85
CA GLY A 216 17.24 19.44 17.50
C GLY A 216 17.02 19.33 18.99
N PHE A 217 16.69 20.45 19.64
CA PHE A 217 16.53 20.47 21.09
C PHE A 217 15.27 19.75 21.53
N THR A 218 14.22 19.78 20.71
CA THR A 218 12.98 19.10 21.06
C THR A 218 13.11 17.58 20.96
N ALA A 219 14.13 17.09 20.26
CA ALA A 219 14.32 15.64 20.15
C ALA A 219 14.65 15.01 21.49
N VAL A 220 15.46 15.68 22.31
CA VAL A 220 15.91 15.13 23.58
C VAL A 220 15.28 15.82 24.78
N HIS A 221 14.55 16.92 24.59
CA HIS A 221 13.92 17.63 25.69
C HIS A 221 12.50 18.01 25.31
N ALA A 222 11.67 18.25 26.32
CA ALA A 222 10.27 18.55 26.14
C ALA A 222 9.99 19.98 26.58
N LYS A 223 9.42 20.78 25.68
CA LYS A 223 8.99 22.14 26.01
C LYS A 223 7.49 22.34 25.84
N TYR A 224 6.94 22.01 24.67
CA TYR A 224 5.51 22.15 24.41
C TYR A 224 4.75 20.85 24.64
N GLN A 225 5.29 19.74 24.16
CA GLN A 225 4.68 18.42 24.32
C GLN A 225 5.79 17.42 24.61
N LYS A 226 5.45 16.13 24.59
CA LYS A 226 6.46 15.10 24.73
C LYS A 226 7.40 15.14 23.53
N PRO A 227 8.68 14.76 23.72
CA PRO A 227 9.63 14.82 22.60
C PRO A 227 9.21 13.93 21.44
N TRP A 228 9.44 14.44 20.23
CA TRP A 228 9.04 13.72 19.03
C TRP A 228 9.89 12.48 18.77
N LEU A 229 11.05 12.37 19.43
CA LEU A 229 11.88 11.18 19.28
C LEU A 229 11.17 9.95 19.84
N GLY A 230 10.50 10.11 20.98
CA GLY A 230 9.70 9.04 21.53
C GLY A 230 10.52 7.95 22.20
N THR A 231 9.81 6.94 22.68
CA THR A 231 10.45 5.82 23.35
C THR A 231 9.52 4.61 23.26
N VAL A 232 10.09 3.44 23.54
CA VAL A 232 9.34 2.18 23.56
C VAL A 232 9.39 1.65 24.99
N ASP A 233 8.21 1.49 25.60
CA ASP A 233 8.13 0.99 26.96
C ASP A 233 8.48 -0.50 27.00
N SER A 234 8.79 -0.98 28.20
CA SER A 234 9.13 -2.39 28.38
C SER A 234 7.94 -3.29 28.08
N SER A 235 6.73 -2.89 28.49
CA SER A 235 5.55 -3.70 28.25
C SER A 235 5.10 -3.65 26.79
N GLU A 236 5.45 -2.58 26.07
CA GLU A 236 5.01 -2.37 24.70
C GLU A 236 6.05 -2.84 23.68
N VAL A 237 7.03 -3.64 24.09
CA VAL A 237 7.99 -4.18 23.14
C VAL A 237 7.30 -5.14 22.18
N TYR A 238 6.42 -6.00 22.69
CA TYR A 238 5.79 -7.02 21.85
C TYR A 238 4.82 -6.40 20.85
N SER A 239 4.07 -5.37 21.25
CA SER A 239 3.17 -4.71 20.30
C SER A 239 3.94 -4.01 19.19
N TRP A 240 5.04 -3.34 19.55
CA TRP A 240 5.86 -2.70 18.54
C TRP A 240 6.48 -3.71 17.59
N LEU A 241 6.94 -4.85 18.13
CA LEU A 241 7.49 -5.90 17.27
C LEU A 241 6.42 -6.48 16.36
N ASP A 242 5.19 -6.62 16.87
CA ASP A 242 4.09 -7.11 16.05
C ASP A 242 3.80 -6.17 14.89
N SER A 243 3.69 -4.87 15.16
CA SER A 243 3.41 -3.92 14.08
C SER A 243 4.58 -3.78 13.13
N PHE A 244 5.81 -3.88 13.63
CA PHE A 244 6.97 -3.78 12.77
C PHE A 244 7.11 -5.01 11.87
N LEU A 245 6.79 -6.20 12.39
CA LEU A 245 6.74 -7.38 11.55
C LEU A 245 5.60 -7.30 10.54
N LEU A 246 4.48 -6.68 10.93
CA LEU A 246 3.40 -6.43 9.98
C LEU A 246 3.87 -5.57 8.83
N LEU A 247 4.62 -4.50 9.11
CA LEU A 247 5.10 -3.64 8.04
C LEU A 247 6.21 -4.30 7.24
N MET A 248 7.03 -5.15 7.86
CA MET A 248 8.11 -5.81 7.13
C MET A 248 7.59 -6.90 6.19
N LEU A 249 6.68 -7.74 6.67
CA LEU A 249 6.29 -8.92 5.92
C LEU A 249 4.96 -8.76 5.19
N GLY A 250 4.14 -7.79 5.57
CA GLY A 250 2.92 -7.53 4.82
C GLY A 250 3.12 -6.65 3.62
N GLY A 251 4.28 -6.00 3.49
CA GLY A 251 4.57 -5.18 2.33
C GLY A 251 5.09 -5.93 1.12
N ILE A 252 5.46 -7.19 1.29
CA ILE A 252 5.97 -8.03 0.20
C ILE A 252 4.86 -8.55 -0.72
N PRO A 253 3.82 -9.24 -0.23
CA PRO A 253 2.95 -10.00 -1.15
C PRO A 253 1.97 -9.16 -1.95
N TRP A 254 2.14 -7.85 -2.05
CA TRP A 254 1.15 -7.03 -2.75
C TRP A 254 1.32 -7.18 -4.26
N GLN A 255 0.19 -7.04 -4.99
CA GLN A 255 0.24 -7.07 -6.44
C GLN A 255 1.05 -5.90 -7.01
N ALA A 256 0.93 -4.73 -6.38
CA ALA A 256 1.63 -3.54 -6.86
C ALA A 256 3.15 -3.69 -6.80
N TYR A 257 3.67 -4.60 -5.98
CA TYR A 257 5.10 -4.86 -5.93
C TYR A 257 5.54 -5.91 -6.93
N PHE A 258 4.84 -7.04 -7.04
CA PHE A 258 5.29 -8.06 -7.98
C PHE A 258 5.00 -7.70 -9.43
N GLN A 259 4.11 -6.75 -9.70
CA GLN A 259 3.92 -6.35 -11.09
C GLN A 259 5.15 -5.62 -11.63
N ARG A 260 5.91 -4.94 -10.76
CA ARG A 260 7.13 -4.26 -11.20
C ARG A 260 8.31 -5.23 -11.32
N VAL A 261 8.44 -6.17 -10.38
CA VAL A 261 9.60 -7.06 -10.41
C VAL A 261 9.51 -8.02 -11.59
N LEU A 262 8.28 -8.38 -12.00
CA LEU A 262 8.12 -9.21 -13.19
C LEU A 262 8.40 -8.43 -14.47
N SER A 263 8.24 -7.11 -14.44
CA SER A 263 8.43 -6.29 -15.63
C SER A 263 9.89 -5.91 -15.87
N SER A 264 10.80 -6.22 -14.96
CA SER A 264 12.20 -5.89 -15.15
C SER A 264 12.79 -6.67 -16.31
N SER A 265 13.79 -6.06 -16.97
CA SER A 265 14.36 -6.64 -18.18
C SER A 265 15.05 -7.96 -17.90
N SER A 266 15.82 -8.03 -16.82
CA SER A 266 16.55 -9.24 -16.46
C SER A 266 16.30 -9.58 -15.00
N ALA A 267 16.78 -10.75 -14.59
CA ALA A 267 16.61 -11.18 -13.20
C ALA A 267 17.41 -10.31 -12.24
N THR A 268 18.64 -9.93 -12.63
CA THR A 268 19.48 -9.15 -11.73
C THR A 268 18.99 -7.72 -11.61
N TYR A 269 18.42 -7.16 -12.68
CA TYR A 269 17.86 -5.82 -12.66
C TYR A 269 16.52 -5.75 -11.93
N ALA A 270 16.07 -6.87 -11.37
CA ALA A 270 14.92 -6.90 -10.48
C ALA A 270 15.36 -6.78 -9.02
N GLN A 271 16.33 -7.58 -8.61
CA GLN A 271 16.91 -7.48 -7.27
C GLN A 271 17.58 -6.13 -7.06
N VAL A 272 18.32 -5.65 -8.07
CA VAL A 272 18.98 -4.36 -7.94
C VAL A 272 17.94 -3.24 -7.88
N LEU A 273 16.85 -3.39 -8.65
CA LEU A 273 15.75 -2.43 -8.58
C LEU A 273 15.13 -2.39 -7.19
N SER A 274 14.93 -3.57 -6.58
CA SER A 274 14.35 -3.63 -5.25
C SER A 274 15.26 -2.96 -4.22
N PHE A 275 16.57 -3.18 -4.30
CA PHE A 275 17.48 -2.52 -3.36
C PHE A 275 17.53 -1.01 -3.59
N LEU A 276 17.54 -0.58 -4.85
CA LEU A 276 17.56 0.84 -5.16
C LEU A 276 16.30 1.53 -4.65
N ALA A 277 15.15 0.86 -4.76
CA ALA A 277 13.93 1.43 -4.21
C ALA A 277 13.91 1.39 -2.69
N ALA A 278 14.55 0.38 -2.08
CA ALA A 278 14.65 0.36 -0.63
C ALA A 278 15.51 1.49 -0.10
N PHE A 279 16.41 2.02 -0.93
CA PHE A 279 17.12 3.24 -0.57
C PHE A 279 16.29 4.49 -0.85
N GLY A 280 15.59 4.48 -1.98
CA GLY A 280 14.74 5.61 -2.34
C GLY A 280 13.62 5.85 -1.34
N CYS A 281 13.11 4.79 -0.71
CA CYS A 281 12.04 4.96 0.27
C CYS A 281 12.51 5.76 1.49
N LEU A 282 13.71 5.47 1.99
CA LEU A 282 14.25 6.23 3.11
C LEU A 282 14.57 7.66 2.68
N VAL A 283 15.11 7.84 1.48
CA VAL A 283 15.35 9.19 0.96
C VAL A 283 14.05 9.97 0.88
N MET A 284 12.96 9.31 0.48
CA MET A 284 11.67 9.98 0.34
C MET A 284 11.00 10.22 1.69
N ALA A 285 11.31 9.40 2.69
CA ALA A 285 10.67 9.49 3.99
C ALA A 285 11.37 10.46 4.94
N ILE A 286 12.63 10.82 4.67
CA ILE A 286 13.30 11.83 5.50
C ILE A 286 12.54 13.16 5.55
N PRO A 287 12.05 13.73 4.43
CA PRO A 287 11.24 14.96 4.55
C PRO A 287 9.97 14.80 5.37
N ALA A 288 9.31 13.64 5.30
CA ALA A 288 8.11 13.42 6.09
C ALA A 288 8.41 13.46 7.59
N ILE A 289 9.50 12.81 7.99
CA ILE A 289 9.92 12.84 9.40
C ILE A 289 10.27 14.25 9.81
N LEU A 290 10.98 14.99 8.96
CA LEU A 290 11.35 16.36 9.30
C LEU A 290 10.13 17.26 9.45
N ILE A 291 9.15 17.14 8.56
CA ILE A 291 7.95 17.96 8.66
C ILE A 291 7.12 17.58 9.87
N GLY A 292 7.05 16.28 10.19
CA GLY A 292 6.39 15.87 11.42
C GLY A 292 7.04 16.43 12.66
N ALA A 293 8.38 16.45 12.68
CA ALA A 293 9.09 17.05 13.81
C ALA A 293 8.86 18.55 13.89
N ILE A 294 8.80 19.22 12.72
CA ILE A 294 8.50 20.65 12.69
C ILE A 294 7.11 20.91 13.26
N GLY A 295 6.12 20.10 12.88
CA GLY A 295 4.79 20.26 13.43
C GLY A 295 4.73 19.98 14.92
N ALA A 296 5.51 19.01 15.38
CA ALA A 296 5.56 18.71 16.81
C ALA A 296 6.19 19.85 17.59
N SER A 297 7.22 20.49 17.04
CA SER A 297 7.93 21.56 17.74
C SER A 297 7.26 22.91 17.59
N THR A 298 6.29 23.06 16.69
CA THR A 298 5.71 24.37 16.41
C THR A 298 4.82 24.82 17.55
N ASP A 299 4.97 26.08 17.96
CA ASP A 299 4.05 26.72 18.91
C ASP A 299 2.89 27.27 18.09
N TRP A 300 1.75 26.58 18.16
CA TRP A 300 0.63 26.90 17.28
C TRP A 300 -0.08 28.20 17.62
N ASN A 301 0.20 28.77 18.80
CA ASN A 301 -0.39 30.07 19.12
C ASN A 301 0.20 31.18 18.26
N GLN A 302 1.48 31.09 17.91
CA GLN A 302 2.12 32.12 17.11
C GLN A 302 1.61 32.11 15.67
N THR A 303 1.31 30.92 15.13
CA THR A 303 0.89 30.80 13.76
C THR A 303 -0.56 31.27 13.59
N ALA A 304 -1.00 31.32 12.33
CA ALA A 304 -2.38 31.71 12.03
C ALA A 304 -3.38 30.62 12.38
N TYR A 305 -2.92 29.39 12.62
CA TYR A 305 -3.83 28.33 13.05
C TYR A 305 -4.43 28.63 14.41
N GLY A 306 -3.62 29.15 15.33
CA GLY A 306 -4.08 29.48 16.66
C GLY A 306 -4.20 28.27 17.55
N LEU A 307 -4.60 28.53 18.79
CA LEU A 307 -4.83 27.55 19.84
C LEU A 307 -6.31 27.19 19.90
N PRO A 308 -6.68 25.92 20.12
CA PRO A 308 -5.88 24.74 20.43
C PRO A 308 -5.07 24.15 19.27
N ASP A 309 -4.05 23.38 19.63
CA ASP A 309 -3.21 22.69 18.67
C ASP A 309 -3.99 21.57 17.99
N PRO A 310 -3.54 21.11 16.81
CA PRO A 310 -4.33 20.12 16.05
C PRO A 310 -4.57 18.81 16.76
N LYS A 311 -3.67 18.35 17.64
CA LYS A 311 -3.91 17.09 18.33
C LYS A 311 -5.04 17.19 19.35
N THR A 312 -5.36 18.40 19.82
CA THR A 312 -6.52 18.57 20.69
C THR A 312 -7.83 18.43 19.91
N THR A 313 -7.90 19.03 18.72
CA THR A 313 -9.10 19.00 17.90
C THR A 313 -9.23 17.72 17.07
N GLU A 314 -8.48 16.67 17.43
CA GLU A 314 -8.53 15.36 16.78
C GLU A 314 -8.19 15.45 15.29
N GLU A 315 -7.34 16.40 14.92
CA GLU A 315 -6.83 16.53 13.56
C GLU A 315 -5.39 16.07 13.46
N ALA A 316 -4.93 15.25 14.41
CA ALA A 316 -3.54 14.78 14.40
C ALA A 316 -3.26 13.82 13.25
N ASP A 317 -4.30 13.25 12.64
CA ASP A 317 -4.08 12.35 11.50
C ASP A 317 -3.61 13.12 10.27
N MET A 318 -3.80 14.43 10.23
CA MET A 318 -3.26 15.27 9.17
C MET A 318 -2.47 16.42 9.80
N ILE A 319 -1.15 16.26 9.82
CA ILE A 319 -0.25 17.33 10.26
C ILE A 319 0.68 17.78 9.14
N LEU A 320 0.78 17.01 8.05
CA LEU A 320 1.51 17.49 6.88
C LEU A 320 0.80 18.63 6.16
N PRO A 321 -0.51 18.56 5.84
CA PRO A 321 -1.13 19.70 5.14
C PRO A 321 -1.19 20.97 5.97
N ILE A 322 -1.33 20.86 7.29
CA ILE A 322 -1.42 22.05 8.13
C ILE A 322 -0.10 22.80 8.13
N VAL A 323 1.02 22.07 8.23
CA VAL A 323 2.35 22.69 8.19
C VAL A 323 2.59 23.35 6.84
N LEU A 324 2.17 22.67 5.76
CA LEU A 324 2.32 23.25 4.42
C LEU A 324 1.50 24.52 4.27
N GLN A 325 0.26 24.52 4.76
CA GLN A 325 -0.63 25.65 4.53
C GLN A 325 -0.26 26.85 5.40
N TYR A 326 0.04 26.62 6.68
CA TYR A 326 0.20 27.72 7.62
C TYR A 326 1.66 28.17 7.79
N LEU A 327 2.58 27.23 8.02
CA LEU A 327 3.97 27.61 8.23
C LEU A 327 4.64 28.07 6.94
N CYS A 328 4.42 27.34 5.85
CA CYS A 328 5.02 27.67 4.57
C CYS A 328 4.21 28.76 3.86
N PRO A 329 4.84 29.54 2.96
CA PRO A 329 4.07 30.52 2.19
C PRO A 329 3.16 29.88 1.16
N VAL A 330 2.46 30.72 0.37
CA VAL A 330 1.38 30.23 -0.47
C VAL A 330 1.90 29.34 -1.60
N TYR A 331 2.94 29.80 -2.31
CA TYR A 331 3.43 29.03 -3.44
C TYR A 331 4.20 27.79 -2.97
N ILE A 332 4.88 27.86 -1.83
CA ILE A 332 5.47 26.66 -1.26
C ILE A 332 4.38 25.69 -0.80
N SER A 333 3.27 26.22 -0.30
CA SER A 333 2.13 25.37 0.03
C SER A 333 1.60 24.65 -1.19
N PHE A 334 1.51 25.35 -2.32
CA PHE A 334 1.07 24.70 -3.55
C PHE A 334 2.09 23.67 -4.05
N PHE A 335 3.38 23.94 -3.87
CA PHE A 335 4.40 22.94 -4.21
C PHE A 335 4.23 21.67 -3.37
N GLY A 336 4.03 21.84 -2.07
CA GLY A 336 3.82 20.69 -1.21
C GLY A 336 2.54 19.94 -1.52
N LEU A 337 1.48 20.68 -1.87
CA LEU A 337 0.22 20.03 -2.24
C LEU A 337 0.37 19.28 -3.56
N GLY A 338 1.13 19.83 -4.51
CA GLY A 338 1.42 19.10 -5.72
C GLY A 338 2.21 17.83 -5.46
N ALA A 339 3.16 17.88 -4.53
CA ALA A 339 3.90 16.68 -4.16
C ALA A 339 2.99 15.63 -3.53
N VAL A 340 2.09 16.04 -2.63
CA VAL A 340 1.18 15.10 -1.99
C VAL A 340 0.21 14.50 -3.01
N SER A 341 -0.32 15.33 -3.91
CA SER A 341 -1.23 14.85 -4.94
C SER A 341 -0.52 13.89 -5.89
N ALA A 342 0.73 14.19 -6.25
CA ALA A 342 1.50 13.27 -7.09
C ALA A 342 1.72 11.94 -6.39
N ALA A 343 2.02 11.97 -5.09
CA ALA A 343 2.20 10.73 -4.35
C ALA A 343 0.91 9.90 -4.31
N VAL A 344 -0.22 10.56 -4.07
CA VAL A 344 -1.48 9.83 -3.98
C VAL A 344 -1.86 9.27 -5.34
N MET A 345 -1.70 10.06 -6.41
CA MET A 345 -2.00 9.54 -7.74
C MET A 345 -1.09 8.39 -8.10
N SER A 346 0.20 8.46 -7.75
CA SER A 346 1.12 7.37 -8.04
C SER A 346 0.70 6.08 -7.34
N SER A 347 0.46 6.16 -6.03
CA SER A 347 0.12 4.94 -5.28
C SER A 347 -1.26 4.40 -5.66
N ALA A 348 -2.25 5.29 -5.81
CA ALA A 348 -3.60 4.84 -6.17
C ALA A 348 -3.65 4.34 -7.61
N ASP A 349 -2.87 4.93 -8.50
CA ASP A 349 -2.76 4.44 -9.86
C ASP A 349 -2.13 3.05 -9.90
N SER A 350 -1.07 2.84 -9.11
CA SER A 350 -0.49 1.51 -9.00
C SER A 350 -1.50 0.51 -8.45
N SER A 351 -2.25 0.89 -7.41
CA SER A 351 -3.24 0.00 -6.82
C SER A 351 -4.37 -0.32 -7.80
N ILE A 352 -4.83 0.68 -8.55
CA ILE A 352 -5.94 0.47 -9.48
C ILE A 352 -5.52 -0.41 -10.64
N LEU A 353 -4.34 -0.15 -11.22
CA LEU A 353 -3.86 -1.02 -12.29
C LEU A 353 -3.54 -2.42 -11.79
N SER A 354 -3.05 -2.52 -10.55
CA SER A 354 -2.66 -3.82 -10.01
C SER A 354 -3.88 -4.68 -9.68
N ALA A 355 -4.91 -4.08 -9.08
CA ALA A 355 -6.13 -4.84 -8.77
C ALA A 355 -6.87 -5.24 -10.04
N SER A 356 -6.80 -4.41 -11.08
CA SER A 356 -7.42 -4.75 -12.36
C SER A 356 -6.54 -5.66 -13.21
N SER A 357 -5.26 -5.81 -12.87
CA SER A 357 -4.39 -6.75 -13.56
C SER A 357 -4.55 -8.17 -13.06
N MET A 358 -5.29 -8.38 -11.97
CA MET A 358 -5.64 -9.72 -11.52
C MET A 358 -7.03 -10.15 -11.97
N PHE A 359 -7.96 -9.21 -12.15
CA PHE A 359 -9.31 -9.57 -12.56
C PHE A 359 -9.33 -10.05 -14.01
N ALA A 360 -8.71 -9.30 -14.92
CA ALA A 360 -8.79 -9.63 -16.33
C ALA A 360 -7.80 -10.70 -16.74
N ARG A 361 -6.86 -11.07 -15.87
CA ARG A 361 -5.82 -12.02 -16.25
C ARG A 361 -6.23 -13.46 -16.00
N ASN A 362 -6.64 -13.78 -14.78
CA ASN A 362 -6.78 -15.18 -14.39
C ASN A 362 -8.17 -15.56 -13.89
N ILE A 363 -8.84 -14.73 -13.10
CA ILE A 363 -10.18 -15.09 -12.66
C ILE A 363 -11.18 -14.94 -13.80
N TYR A 364 -10.89 -14.06 -14.77
CA TYR A 364 -11.75 -13.93 -15.95
C TYR A 364 -11.23 -14.80 -17.11
N GLN A 365 -9.99 -14.54 -17.53
CA GLN A 365 -9.48 -15.22 -18.73
C GLN A 365 -9.13 -16.68 -18.45
N LEU A 366 -8.53 -16.97 -17.29
CA LEU A 366 -8.11 -18.34 -17.00
C LEU A 366 -9.13 -19.14 -16.22
N SER A 367 -10.16 -18.51 -15.66
CA SER A 367 -11.16 -19.23 -14.87
C SER A 367 -12.55 -19.20 -15.49
N PHE A 368 -13.09 -18.02 -15.79
CA PHE A 368 -14.46 -17.93 -16.29
C PHE A 368 -14.54 -18.31 -17.77
N ARG A 369 -13.88 -17.54 -18.62
CA ARG A 369 -13.92 -17.75 -20.07
C ARG A 369 -12.52 -18.16 -20.51
N GLN A 370 -12.24 -19.47 -20.46
CA GLN A 370 -10.90 -19.97 -20.77
C GLN A 370 -10.52 -19.73 -22.22
N ASN A 371 -11.46 -19.96 -23.15
CA ASN A 371 -11.21 -19.77 -24.57
C ASN A 371 -11.87 -18.45 -24.99
N ALA A 372 -11.09 -17.38 -24.96
CA ALA A 372 -11.59 -16.05 -25.30
C ALA A 372 -10.57 -15.34 -26.16
N SER A 373 -11.07 -14.50 -27.07
CA SER A 373 -10.21 -13.73 -27.94
C SER A 373 -9.44 -12.67 -27.15
N ASP A 374 -8.27 -12.29 -27.67
CA ASP A 374 -7.42 -11.34 -26.95
C ASP A 374 -8.02 -9.94 -26.92
N LYS A 375 -8.76 -9.56 -27.97
CA LYS A 375 -9.41 -8.25 -27.98
C LYS A 375 -10.45 -8.15 -26.88
N GLU A 376 -11.19 -9.23 -26.64
CA GLU A 376 -12.17 -9.24 -25.56
C GLU A 376 -11.48 -9.09 -24.21
N ILE A 377 -10.31 -9.72 -24.03
CA ILE A 377 -9.59 -9.59 -22.78
C ILE A 377 -9.06 -8.17 -22.60
N VAL A 378 -8.60 -7.54 -23.67
CA VAL A 378 -8.16 -6.14 -23.58
C VAL A 378 -9.32 -5.23 -23.21
N TRP A 379 -10.48 -5.43 -23.84
CA TRP A 379 -11.63 -4.59 -23.55
C TRP A 379 -12.14 -4.80 -22.13
N VAL A 380 -12.16 -6.05 -21.65
CA VAL A 380 -12.60 -6.27 -20.28
C VAL A 380 -11.56 -5.74 -19.30
N MET A 381 -10.28 -5.72 -19.69
CA MET A 381 -9.26 -5.07 -18.88
C MET A 381 -9.55 -3.58 -18.74
N ARG A 382 -9.88 -2.93 -19.85
CA ARG A 382 -10.12 -1.49 -19.81
C ARG A 382 -11.38 -1.16 -19.00
N ILE A 383 -12.47 -1.90 -19.21
CA ILE A 383 -13.68 -1.62 -18.45
C ILE A 383 -13.50 -2.01 -16.99
N THR A 384 -12.64 -3.00 -16.69
CA THR A 384 -12.36 -3.34 -15.30
C THR A 384 -11.54 -2.26 -14.62
N VAL A 385 -10.60 -1.65 -15.35
CA VAL A 385 -9.85 -0.51 -14.82
C VAL A 385 -10.81 0.63 -14.48
N PHE A 386 -11.73 0.93 -15.41
CA PHE A 386 -12.68 2.02 -15.17
C PHE A 386 -13.61 1.71 -14.01
N VAL A 387 -14.13 0.48 -13.94
CA VAL A 387 -15.06 0.10 -12.88
C VAL A 387 -14.36 0.10 -11.52
N PHE A 388 -13.12 -0.40 -11.47
CA PHE A 388 -12.38 -0.40 -10.22
C PHE A 388 -12.02 1.01 -9.76
N GLY A 389 -11.70 1.90 -10.70
CA GLY A 389 -11.47 3.29 -10.34
C GLY A 389 -12.72 3.97 -9.80
N ALA A 390 -13.86 3.73 -10.45
CA ALA A 390 -15.11 4.29 -9.98
C ALA A 390 -15.49 3.74 -8.61
N SER A 391 -15.30 2.44 -8.40
CA SER A 391 -15.59 1.84 -7.10
C SER A 391 -14.67 2.38 -6.01
N ALA A 392 -13.38 2.56 -6.34
CA ALA A 392 -12.44 3.09 -5.36
C ALA A 392 -12.79 4.52 -4.97
N THR A 393 -13.12 5.37 -5.95
CA THR A 393 -13.45 6.75 -5.61
C THR A 393 -14.80 6.85 -4.92
N ALA A 394 -15.77 5.99 -5.28
CA ALA A 394 -17.06 6.01 -4.60
C ALA A 394 -16.94 5.54 -3.16
N MET A 395 -16.10 4.53 -2.92
CA MET A 395 -15.87 4.06 -1.56
C MET A 395 -15.09 5.07 -0.74
N ALA A 396 -14.17 5.80 -1.39
CA ALA A 396 -13.43 6.85 -0.70
C ALA A 396 -14.34 8.00 -0.31
N LEU A 397 -15.27 8.36 -1.20
CA LEU A 397 -16.08 9.56 -1.00
C LEU A 397 -17.33 9.31 -0.16
N LEU A 398 -17.96 8.15 -0.30
CA LEU A 398 -19.26 7.88 0.31
C LEU A 398 -19.16 7.25 1.69
N THR A 399 -18.03 6.61 2.02
CA THR A 399 -17.87 5.90 3.27
C THR A 399 -16.92 6.66 4.18
N LYS A 400 -17.29 6.77 5.46
CA LYS A 400 -16.47 7.43 6.46
C LYS A 400 -15.58 6.49 7.26
N THR A 401 -15.63 5.18 6.97
CA THR A 401 -14.89 4.20 7.73
C THR A 401 -13.87 3.53 6.80
N VAL A 402 -13.16 4.35 6.03
CA VAL A 402 -12.24 3.80 5.03
C VAL A 402 -10.90 3.43 5.67
N TYR A 403 -10.42 4.22 6.63
CA TYR A 403 -9.12 3.97 7.23
C TYR A 403 -9.09 2.67 8.02
N GLY A 404 -10.12 2.42 8.83
CA GLY A 404 -10.16 1.20 9.61
C GLY A 404 -10.28 -0.04 8.75
N LEU A 405 -11.10 0.04 7.70
CA LEU A 405 -11.20 -1.07 6.75
C LEU A 405 -9.89 -1.27 5.99
N TRP A 406 -9.17 -0.19 5.69
CA TRP A 406 -7.86 -0.32 5.05
C TRP A 406 -6.87 -1.05 5.95
N TYR A 407 -6.84 -0.68 7.24
CA TYR A 407 -5.94 -1.35 8.17
C TYR A 407 -6.31 -2.81 8.34
N LEU A 408 -7.62 -3.10 8.45
CA LEU A 408 -8.07 -4.49 8.60
C LEU A 408 -7.73 -5.31 7.35
N SER A 409 -7.92 -4.72 6.16
CA SER A 409 -7.65 -5.46 4.93
C SER A 409 -6.16 -5.71 4.75
N SER A 410 -5.31 -4.72 5.10
CA SER A 410 -3.87 -4.93 5.02
C SER A 410 -3.40 -5.99 6.02
N ASP A 411 -3.96 -5.97 7.23
CA ASP A 411 -3.63 -7.00 8.22
C ASP A 411 -4.08 -8.38 7.74
N LEU A 412 -5.25 -8.45 7.11
CA LEU A 412 -5.74 -9.73 6.61
C LEU A 412 -4.89 -10.24 5.45
N VAL A 413 -4.43 -9.32 4.59
CA VAL A 413 -3.52 -9.71 3.51
C VAL A 413 -2.22 -10.28 4.09
N TYR A 414 -1.67 -9.60 5.08
CA TYR A 414 -0.45 -10.09 5.74
C TYR A 414 -0.67 -11.46 6.38
N ILE A 415 -1.81 -11.66 7.03
CA ILE A 415 -2.06 -12.92 7.72
C ILE A 415 -2.29 -14.05 6.72
N VAL A 416 -2.99 -13.78 5.61
CA VAL A 416 -3.41 -14.84 4.71
C VAL A 416 -2.40 -15.08 3.59
N ILE A 417 -2.16 -14.05 2.76
CA ILE A 417 -1.44 -14.25 1.50
C ILE A 417 0.02 -14.57 1.75
N PHE A 418 0.64 -13.92 2.74
CA PHE A 418 2.07 -14.09 2.95
C PHE A 418 2.48 -15.52 3.33
N PRO A 419 1.80 -16.24 4.23
CA PRO A 419 2.13 -17.67 4.38
C PRO A 419 1.91 -18.45 3.09
N GLN A 420 0.87 -18.12 2.32
CA GLN A 420 0.66 -18.78 1.04
C GLN A 420 1.80 -18.45 0.07
N LEU A 421 2.27 -17.20 0.08
CA LEU A 421 3.39 -16.82 -0.78
C LEU A 421 4.66 -17.56 -0.39
N LEU A 422 4.91 -17.70 0.91
CA LEU A 422 6.13 -18.35 1.35
C LEU A 422 6.06 -19.87 1.17
N CYS A 423 4.85 -20.44 1.16
CA CYS A 423 4.70 -21.88 1.01
C CYS A 423 4.92 -22.34 -0.42
N VAL A 424 4.46 -21.57 -1.42
CA VAL A 424 4.53 -22.04 -2.80
C VAL A 424 5.96 -22.07 -3.31
N LEU A 425 6.77 -21.08 -2.93
CA LEU A 425 8.12 -20.96 -3.45
C LEU A 425 9.13 -21.77 -2.64
N PHE A 426 9.23 -21.47 -1.34
CA PHE A 426 10.31 -22.03 -0.54
C PHE A 426 10.04 -23.47 -0.12
N VAL A 427 8.79 -23.79 0.16
CA VAL A 427 8.42 -25.12 0.65
C VAL A 427 7.96 -25.98 -0.53
N LYS A 428 8.46 -27.21 -0.59
CA LYS A 428 8.05 -28.15 -1.62
C LYS A 428 7.06 -29.17 -1.04
N GLY A 429 6.11 -29.58 -1.89
CA GLY A 429 5.12 -30.55 -1.47
C GLY A 429 3.92 -29.98 -0.75
N THR A 430 3.66 -28.68 -0.90
CA THR A 430 2.49 -28.07 -0.28
C THR A 430 1.26 -28.29 -1.15
N ASN A 431 0.21 -28.85 -0.57
CA ASN A 431 -0.98 -29.23 -1.32
C ASN A 431 -2.06 -28.15 -1.19
N THR A 432 -3.22 -28.43 -1.76
CA THR A 432 -4.35 -27.50 -1.69
C THR A 432 -5.03 -27.55 -0.32
N TYR A 433 -5.06 -28.73 0.31
CA TYR A 433 -5.75 -28.88 1.60
C TYR A 433 -5.07 -28.04 2.67
N GLY A 434 -3.74 -28.06 2.72
CA GLY A 434 -3.02 -27.24 3.67
C GLY A 434 -3.22 -25.76 3.42
N ALA A 435 -3.31 -25.36 2.14
CA ALA A 435 -3.58 -23.98 1.80
C ALA A 435 -4.96 -23.55 2.29
N VAL A 436 -5.96 -24.40 2.10
CA VAL A 436 -7.31 -24.09 2.55
C VAL A 436 -7.36 -24.02 4.08
N ALA A 437 -6.68 -24.94 4.76
CA ALA A 437 -6.63 -24.92 6.22
C ALA A 437 -5.95 -23.66 6.73
N GLY A 438 -4.86 -23.25 6.08
CA GLY A 438 -4.20 -22.00 6.47
C GLY A 438 -5.07 -20.79 6.24
N TYR A 439 -5.79 -20.76 5.11
CA TYR A 439 -6.73 -19.68 4.85
C TYR A 439 -7.80 -19.59 5.93
N VAL A 440 -8.42 -20.73 6.26
CA VAL A 440 -9.49 -20.75 7.25
C VAL A 440 -8.97 -20.35 8.63
N SER A 441 -7.81 -20.87 9.02
CA SER A 441 -7.25 -20.54 10.33
C SER A 441 -6.87 -19.07 10.42
N GLY A 442 -6.22 -18.53 9.40
CA GLY A 442 -5.85 -17.12 9.43
C GLY A 442 -7.06 -16.21 9.46
N LEU A 443 -8.07 -16.51 8.63
CA LEU A 443 -9.28 -15.71 8.62
C LEU A 443 -10.01 -15.78 9.96
N PHE A 444 -10.08 -16.98 10.55
CA PHE A 444 -10.78 -17.14 11.82
C PHE A 444 -10.07 -16.39 12.95
N LEU A 445 -8.75 -16.49 13.03
CA LEU A 445 -8.02 -15.77 14.07
C LEU A 445 -8.08 -14.26 13.87
N ARG A 446 -8.05 -13.80 12.62
CA ARG A 446 -8.14 -12.36 12.39
C ARG A 446 -9.54 -11.83 12.71
N ILE A 447 -10.59 -12.61 12.41
CA ILE A 447 -11.94 -12.17 12.73
C ILE A 447 -12.17 -12.18 14.23
N THR A 448 -11.73 -13.24 14.92
CA THR A 448 -11.91 -13.32 16.37
C THR A 448 -11.01 -12.34 17.11
N GLY A 449 -9.94 -11.86 16.48
CA GLY A 449 -9.12 -10.83 17.11
C GLY A 449 -9.86 -9.51 17.26
N GLY A 450 -10.67 -9.15 16.27
CA GLY A 450 -11.45 -7.94 16.33
C GLY A 450 -10.67 -6.71 15.89
N GLU A 451 -11.42 -5.64 15.63
CA GLU A 451 -10.83 -4.37 15.23
C GLU A 451 -11.51 -3.24 16.00
N PRO A 452 -10.74 -2.39 16.69
CA PRO A 452 -11.36 -1.25 17.38
C PRO A 452 -12.06 -0.26 16.45
N TYR A 453 -11.56 -0.09 15.23
CA TYR A 453 -12.15 0.88 14.31
C TYR A 453 -13.53 0.44 13.85
N LEU A 454 -13.71 -0.87 13.60
CA LEU A 454 -14.98 -1.41 13.14
C LEU A 454 -15.95 -1.71 14.27
N TYR A 455 -15.55 -1.47 15.52
CA TYR A 455 -16.37 -1.72 16.72
C TYR A 455 -16.82 -3.19 16.78
N LEU A 456 -15.92 -4.10 16.42
CA LEU A 456 -16.19 -5.52 16.43
C LEU A 456 -15.67 -6.11 17.74
N GLN A 457 -16.55 -6.78 18.48
CA GLN A 457 -16.17 -7.39 19.74
C GLN A 457 -15.31 -8.62 19.48
N PRO A 458 -14.16 -8.75 20.14
CA PRO A 458 -13.34 -9.95 19.94
C PRO A 458 -13.95 -11.16 20.65
N LEU A 459 -14.09 -12.26 19.91
CA LEU A 459 -14.65 -13.48 20.49
C LEU A 459 -13.68 -14.14 21.45
N ILE A 460 -12.38 -14.12 21.12
CA ILE A 460 -11.34 -14.72 21.96
C ILE A 460 -10.59 -13.59 22.64
N PHE A 461 -10.44 -13.68 23.96
CA PHE A 461 -9.76 -12.67 24.75
C PHE A 461 -8.34 -13.15 25.04
N TYR A 462 -7.37 -12.57 24.31
CA TYR A 462 -5.98 -12.88 24.57
C TYR A 462 -5.53 -12.23 25.89
N PRO A 463 -4.51 -12.80 26.54
CA PRO A 463 -4.01 -12.19 27.79
C PRO A 463 -3.49 -10.78 27.56
N GLY A 464 -3.70 -9.93 28.55
CA GLY A 464 -3.30 -8.54 28.47
C GLY A 464 -4.30 -7.61 27.83
N TYR A 465 -5.53 -8.06 27.60
CA TYR A 465 -6.53 -7.22 26.96
C TYR A 465 -6.98 -6.10 27.89
N TYR A 466 -7.24 -4.93 27.32
CA TYR A 466 -7.71 -3.77 28.07
C TYR A 466 -8.80 -3.08 27.28
N PRO A 467 -9.79 -2.50 27.97
CA PRO A 467 -10.83 -1.74 27.26
C PRO A 467 -10.35 -0.36 26.87
N ASP A 468 -10.92 0.15 25.77
CA ASP A 468 -10.56 1.46 25.26
C ASP A 468 -11.49 2.52 25.85
N ASP A 469 -11.38 3.76 25.35
CA ASP A 469 -12.28 4.82 25.79
C ASP A 469 -13.71 4.59 25.30
N ASN A 470 -13.85 4.01 24.10
CA ASN A 470 -15.17 3.78 23.51
C ASN A 470 -15.89 2.60 24.14
N GLY A 471 -15.22 1.79 24.94
CA GLY A 471 -15.84 0.67 25.61
C GLY A 471 -15.66 -0.68 24.96
N ILE A 472 -14.78 -0.81 23.96
CA ILE A 472 -14.52 -2.07 23.30
C ILE A 472 -13.15 -2.58 23.72
N TYR A 473 -13.01 -3.89 23.76
CA TYR A 473 -11.77 -4.51 24.22
C TYR A 473 -10.71 -4.51 23.11
N ASN A 474 -9.50 -4.12 23.48
CA ASN A 474 -8.36 -4.12 22.57
C ASN A 474 -7.33 -5.13 23.04
N GLN A 475 -6.64 -5.74 22.09
CA GLN A 475 -5.69 -6.82 22.36
C GLN A 475 -4.27 -6.26 22.39
N LYS A 476 -3.64 -6.32 23.56
CA LYS A 476 -2.23 -5.97 23.67
C LYS A 476 -1.33 -7.10 23.21
N PHE A 477 -1.84 -8.33 23.19
CA PHE A 477 -1.05 -9.47 22.75
C PHE A 477 -0.79 -9.37 21.25
N PRO A 478 0.41 -9.77 20.78
CA PRO A 478 0.67 -9.75 19.34
C PRO A 478 -0.06 -10.86 18.60
N PHE A 479 -1.37 -10.70 18.41
CA PHE A 479 -2.16 -11.75 17.77
C PHE A 479 -2.01 -11.78 16.26
N LYS A 480 -1.46 -10.71 15.65
CA LYS A 480 -1.31 -10.70 14.20
C LYS A 480 -0.18 -11.61 13.75
N THR A 481 1.02 -11.43 14.30
CA THR A 481 2.12 -12.30 13.93
C THR A 481 1.92 -13.71 14.46
N LEU A 482 1.24 -13.86 15.61
CA LEU A 482 0.91 -15.19 16.09
C LEU A 482 -0.08 -15.88 15.16
N ALA A 483 -1.04 -15.11 14.62
CA ALA A 483 -1.99 -15.68 13.65
C ALA A 483 -1.27 -16.09 12.38
N MET A 484 -0.31 -15.28 11.92
CA MET A 484 0.45 -15.65 10.72
C MET A 484 1.26 -16.92 10.96
N VAL A 485 1.93 -17.01 12.11
CA VAL A 485 2.74 -18.18 12.42
C VAL A 485 1.87 -19.42 12.54
N THR A 486 0.70 -19.28 13.18
CA THR A 486 -0.24 -20.40 13.29
C THR A 486 -0.74 -20.84 11.93
N SER A 487 -1.06 -19.88 11.04
CA SER A 487 -1.52 -20.22 9.70
C SER A 487 -0.44 -20.95 8.91
N PHE A 488 0.81 -20.48 9.00
CA PHE A 488 1.91 -21.12 8.28
C PHE A 488 2.16 -22.53 8.81
N LEU A 489 2.17 -22.68 10.15
CA LEU A 489 2.42 -23.99 10.75
C LEU A 489 1.29 -24.97 10.43
N THR A 490 0.04 -24.52 10.49
CA THR A 490 -1.06 -25.42 10.18
C THR A 490 -1.14 -25.71 8.68
N ASN A 491 -0.66 -24.80 7.84
CA ASN A 491 -0.56 -25.09 6.41
C ASN A 491 0.41 -26.23 6.18
N ILE A 492 1.60 -26.15 6.78
CA ILE A 492 2.58 -27.22 6.65
C ILE A 492 2.04 -28.52 7.22
N CYS A 493 1.42 -28.45 8.40
CA CYS A 493 0.96 -29.66 9.07
C CYS A 493 -0.15 -30.36 8.30
N ILE A 494 -1.14 -29.59 7.82
CA ILE A 494 -2.24 -30.19 7.07
C ILE A 494 -1.77 -30.70 5.72
N SER A 495 -0.85 -29.98 5.06
CA SER A 495 -0.31 -30.46 3.79
C SER A 495 0.41 -31.80 3.96
N TYR A 496 1.29 -31.88 4.97
CA TYR A 496 2.04 -33.12 5.19
C TYR A 496 1.14 -34.24 5.66
N LEU A 497 0.14 -33.93 6.49
CA LEU A 497 -0.79 -34.96 6.95
C LEU A 497 -1.63 -35.51 5.81
N ALA A 498 -2.13 -34.63 4.93
CA ALA A 498 -2.90 -35.10 3.78
C ALA A 498 -2.05 -35.93 2.84
N LYS A 499 -0.80 -35.49 2.60
CA LYS A 499 0.10 -36.26 1.75
C LYS A 499 0.38 -37.64 2.34
N TYR A 500 0.63 -37.71 3.65
CA TYR A 500 0.89 -38.99 4.30
C TYR A 500 -0.33 -39.89 4.28
N LEU A 501 -1.52 -39.33 4.51
CA LEU A 501 -2.74 -40.14 4.49
C LEU A 501 -3.03 -40.69 3.10
N PHE A 502 -2.83 -39.86 2.06
CA PHE A 502 -3.11 -40.35 0.71
C PHE A 502 -2.03 -41.30 0.20
N GLU A 503 -0.79 -41.14 0.66
CA GLU A 503 0.27 -42.08 0.25
C GLU A 503 0.16 -43.41 0.98
N SER A 504 -0.19 -43.37 2.26
CA SER A 504 -0.27 -44.61 3.04
C SER A 504 -1.48 -45.45 2.64
N GLY A 505 -2.58 -44.81 2.23
CA GLY A 505 -3.76 -45.53 1.84
C GLY A 505 -4.84 -45.63 2.89
N THR A 506 -4.74 -44.86 3.99
CA THR A 506 -5.80 -44.86 5.00
C THR A 506 -7.10 -44.31 4.41
N LEU A 507 -7.01 -43.21 3.67
CA LEU A 507 -8.17 -42.68 2.97
C LEU A 507 -8.25 -43.26 1.56
N PRO A 508 -9.46 -43.44 1.03
CA PRO A 508 -9.61 -43.94 -0.35
C PRO A 508 -9.00 -42.97 -1.34
N PRO A 509 -8.35 -43.48 -2.39
CA PRO A 509 -7.77 -42.58 -3.41
C PRO A 509 -8.80 -41.75 -4.15
N LYS A 510 -10.05 -42.21 -4.23
CA LYS A 510 -11.10 -41.49 -4.95
C LYS A 510 -11.88 -40.52 -4.07
N LEU A 511 -11.65 -40.53 -2.76
CA LEU A 511 -12.44 -39.70 -1.85
C LEU A 511 -12.05 -38.23 -1.94
N ASP A 512 -10.81 -37.93 -2.33
CA ASP A 512 -10.34 -36.55 -2.37
C ASP A 512 -11.08 -35.75 -3.43
N VAL A 513 -11.39 -34.50 -3.11
CA VAL A 513 -12.14 -33.63 -4.00
C VAL A 513 -11.25 -32.66 -4.75
N PHE A 514 -10.21 -32.12 -4.11
CA PHE A 514 -9.31 -31.20 -4.78
C PHE A 514 -8.34 -31.91 -5.73
N ASP A 515 -8.06 -33.19 -5.49
CA ASP A 515 -7.26 -34.04 -6.37
C ASP A 515 -5.83 -33.51 -6.56
N ALA A 516 -5.33 -32.73 -5.61
CA ALA A 516 -3.98 -32.19 -5.73
C ALA A 516 -2.91 -33.25 -5.45
N VAL A 517 -3.11 -34.07 -4.41
CA VAL A 517 -2.08 -35.03 -4.02
C VAL A 517 -1.98 -36.16 -5.04
N VAL A 518 -3.12 -36.68 -5.48
CA VAL A 518 -3.12 -37.84 -6.39
C VAL A 518 -2.53 -37.45 -7.75
N ALA A 519 -2.95 -36.31 -8.28
CA ALA A 519 -2.42 -35.82 -9.56
C ALA A 519 -1.45 -34.67 -9.33
#